data_9ETN
#
_entry.id   9ETN
#
_cell.length_a   167.514
_cell.length_b   84.204
_cell.length_c   59.718
_cell.angle_alpha   90.000
_cell.angle_beta   102.702
_cell.angle_gamma   90.000
#
_symmetry.space_group_name_H-M   'C 1 2 1'
#
loop_
_entity.id
_entity.type
_entity.pdbx_description
1 polymer 'Cartilage acidic protein 1'
2 branched 2-acetamido-2-deoxy-beta-D-glucopyranose-(1-4)-[alpha-L-fucopyranose-(1-6)]2-acetamido-2-deoxy-beta-D-glucopyranose
3 non-polymer 'CALCIUM ION'
4 non-polymer 'POTASSIUM ION'
5 non-polymer 'SODIUM ION'
6 water water
#
_entity_poly.entity_id   1
_entity_poly.type   'polypeptide(L)'
_entity_poly.pdbx_seq_one_letter_code
;GSEPMFTAVTNSVLPPDYDSNPTQLNYGVAVTDVDHDGDFEIVVAGYTGPNLVLKYNRAQNRLVNIAVDERSSPYYALRD
RQGNAIGVTACDIDGDGREEIYFLNTNNAFSGVATYTDKLFKFRNNRWEDILSDDVNVARGVASLFAGRSVACVDRTGSG
RYSIYIANYAYGDVGPDALIEMDPEASDLSRGILALRDVAAEAGVSKYTAGRGVSVGPILSSSASDIFCDNENGPNFLFH
NQGNGTFVDTAASAGVDDPHQHGRGVALADFNRDGKVDIVYGNWNGPHRLYLQMSAHGKVRFRDIASPKFSTPSPVRTVI
AADFDNDQELEVFFNNIAYRSSSANRLFRVIRREHGDPLIEELNPGDALEPEGRGTGGVVTDFDGDGMLDLILSHGESMA
QPLSVFRGNQGFSNNWLRVVPRTRFGAFARGAKVVLYTKKSGAHLRIIDGGSGYLCEMEPVAHFGLGRDEASSVEVTWPD
GKMVSRSVASEEMNSVLEILYPQDEDKLQNTAPLECGQGFSQQDNGHCMDTNECIQFPFVCPRDKPVCVNTYGSYRCRTN
KRCNRGYEPNEDGTACVAAAHHHHHH
;
_entity_poly.pdbx_strand_id   A
#
loop_
_chem_comp.id
_chem_comp.type
_chem_comp.name
_chem_comp.formula
CA non-polymer 'CALCIUM ION' 'Ca 2'
FUC L-saccharide, alpha linking alpha-L-fucopyranose 'C6 H12 O5'
K non-polymer 'POTASSIUM ION' 'K 1'
NA non-polymer 'SODIUM ION' 'Na 1'
NAG D-saccharide, beta linking 2-acetamido-2-deoxy-beta-D-glucopyranose 'C8 H15 N O6'
#
# COMPACT_ATOMS: atom_id res chain seq x y z
N GLY A 1 8.68 0.08 -23.68
CA GLY A 1 9.84 0.99 -23.73
C GLY A 1 9.45 2.40 -24.18
N SER A 2 8.84 2.52 -25.38
CA SER A 2 8.73 3.79 -26.07
C SER A 2 7.29 4.34 -26.09
N GLU A 3 6.26 3.48 -26.16
CA GLU A 3 4.89 3.99 -26.27
C GLU A 3 4.43 4.54 -24.91
N PRO A 4 3.74 5.71 -24.89
CA PRO A 4 3.31 6.34 -23.62
C PRO A 4 2.24 5.55 -22.85
N MET A 5 2.48 5.31 -21.55
CA MET A 5 1.63 4.42 -20.76
CA MET A 5 1.62 4.43 -20.77
C MET A 5 0.36 5.16 -20.30
N PHE A 6 0.45 6.49 -20.12
CA PHE A 6 -0.62 7.25 -19.49
C PHE A 6 -1.10 8.43 -20.34
N THR A 7 -2.42 8.65 -20.32
CA THR A 7 -3.05 9.86 -20.84
C THR A 7 -3.66 10.63 -19.69
N ALA A 8 -3.45 11.94 -19.65
CA ALA A 8 -4.05 12.79 -18.64
C ALA A 8 -5.54 12.92 -18.96
N VAL A 9 -6.38 12.71 -17.94
CA VAL A 9 -7.82 12.92 -18.05
C VAL A 9 -8.29 13.97 -17.05
N THR A 10 -7.35 14.74 -16.45
CA THR A 10 -7.65 15.74 -15.45
C THR A 10 -8.75 16.69 -15.93
N ASN A 11 -8.60 17.21 -17.15
CA ASN A 11 -9.49 18.26 -17.64
C ASN A 11 -10.93 17.78 -17.82
N SER A 12 -11.18 16.47 -18.04
CA SER A 12 -12.56 15.98 -18.17
C SER A 12 -13.09 15.39 -16.85
N VAL A 13 -12.22 14.74 -16.07
CA VAL A 13 -12.64 13.99 -14.89
C VAL A 13 -12.48 14.80 -13.60
N LEU A 14 -11.49 15.69 -13.54
CA LEU A 14 -11.25 16.42 -12.31
C LEU A 14 -10.62 17.77 -12.64
N PRO A 15 -11.35 18.63 -13.38
CA PRO A 15 -10.79 19.90 -13.87
C PRO A 15 -10.35 20.80 -12.70
N PRO A 16 -9.24 21.54 -12.84
CA PRO A 16 -8.91 22.57 -11.85
C PRO A 16 -10.08 23.52 -11.62
N ASP A 17 -10.49 23.67 -10.35
CA ASP A 17 -11.59 24.54 -9.96
C ASP A 17 -11.40 24.82 -8.48
N TYR A 18 -12.35 25.54 -7.88
CA TYR A 18 -12.23 25.94 -6.49
C TYR A 18 -12.72 24.83 -5.54
N ASP A 19 -13.76 24.10 -5.94
CA ASP A 19 -14.47 23.21 -5.04
C ASP A 19 -13.83 21.82 -4.93
N SER A 20 -13.38 21.24 -6.06
CA SER A 20 -13.02 19.82 -6.11
C SER A 20 -11.53 19.59 -6.38
N ASN A 21 -10.92 20.47 -7.17
CA ASN A 21 -9.50 20.33 -7.47
C ASN A 21 -8.86 21.71 -7.42
N PRO A 22 -8.75 22.31 -6.20
CA PRO A 22 -8.14 23.62 -6.05
C PRO A 22 -6.62 23.60 -6.29
N THR A 23 -6.08 24.76 -6.63
CA THR A 23 -4.63 24.94 -6.75
C THR A 23 -4.11 25.20 -5.34
N GLN A 24 -3.71 24.13 -4.65
CA GLN A 24 -3.32 24.26 -3.24
C GLN A 24 -2.17 23.30 -2.98
N LEU A 25 -1.62 23.35 -1.77
CA LEU A 25 -0.58 22.44 -1.36
C LEU A 25 -1.24 21.19 -0.77
N ASN A 26 -1.14 20.07 -1.48
CA ASN A 26 -1.62 18.77 -1.03
C ASN A 26 -0.44 17.86 -0.75
N TYR A 27 -0.67 16.85 0.10
CA TYR A 27 0.33 15.84 0.41
C TYR A 27 -0.23 14.44 0.20
N GLY A 28 -0.42 13.65 1.25
CA GLY A 28 -0.77 12.25 1.11
C GLY A 28 -2.18 12.07 0.56
N VAL A 29 -2.44 10.86 0.03
CA VAL A 29 -3.72 10.48 -0.55
C VAL A 29 -4.04 9.07 -0.11
N ALA A 30 -5.31 8.81 0.26
CA ALA A 30 -5.74 7.51 0.72
C ALA A 30 -7.08 7.15 0.06
N VAL A 31 -7.28 5.86 -0.22
CA VAL A 31 -8.50 5.37 -0.82
C VAL A 31 -9.24 4.49 0.17
N THR A 32 -10.51 4.83 0.41
CA THR A 32 -11.34 4.10 1.36
C THR A 32 -12.79 4.29 0.92
N ASP A 33 -13.73 3.67 1.65
CA ASP A 33 -15.15 3.83 1.40
C ASP A 33 -15.69 4.71 2.53
N VAL A 34 -15.96 5.97 2.22
CA VAL A 34 -16.34 6.95 3.23
C VAL A 34 -17.83 6.90 3.53
N ASP A 35 -18.67 6.52 2.55
CA ASP A 35 -20.12 6.55 2.73
C ASP A 35 -20.71 5.14 2.66
N HIS A 36 -19.90 4.11 2.93
CA HIS A 36 -20.38 2.76 3.17
C HIS A 36 -21.20 2.26 1.98
N ASP A 37 -20.95 2.76 0.77
CA ASP A 37 -21.83 2.45 -0.35
C ASP A 37 -21.15 1.49 -1.32
N GLY A 38 -20.00 0.92 -0.96
CA GLY A 38 -19.32 -0.02 -1.83
C GLY A 38 -18.20 0.61 -2.66
N ASP A 39 -18.45 1.82 -3.20
CA ASP A 39 -17.48 2.53 -4.02
C ASP A 39 -16.39 3.15 -3.14
N PHE A 40 -15.21 3.36 -3.71
CA PHE A 40 -14.14 3.99 -2.95
C PHE A 40 -14.09 5.49 -3.25
N GLU A 41 -13.83 6.26 -2.19
CA GLU A 41 -13.55 7.68 -2.30
C GLU A 41 -12.04 7.89 -2.12
N ILE A 42 -11.57 9.02 -2.62
CA ILE A 42 -10.15 9.38 -2.58
C ILE A 42 -10.01 10.56 -1.63
N VAL A 43 -9.28 10.32 -0.55
CA VAL A 43 -9.12 11.31 0.49
C VAL A 43 -7.75 11.94 0.34
N VAL A 44 -7.74 13.26 0.21
CA VAL A 44 -6.51 14.02 -0.01
C VAL A 44 -6.19 14.88 1.22
N ALA A 45 -4.95 14.77 1.71
CA ALA A 45 -4.44 15.61 2.78
C ALA A 45 -4.08 16.97 2.22
N GLY A 46 -4.88 17.98 2.59
CA GLY A 46 -4.59 19.37 2.31
C GLY A 46 -3.65 19.94 3.35
N TYR A 47 -2.50 20.38 2.88
CA TYR A 47 -1.47 20.91 3.75
C TYR A 47 -1.77 22.36 4.10
N THR A 48 -2.11 23.17 3.10
CA THR A 48 -2.67 24.48 3.38
C THR A 48 -3.94 24.58 2.57
N GLY A 49 -5.04 24.31 3.25
CA GLY A 49 -6.32 24.18 2.60
C GLY A 49 -7.06 23.00 3.22
N PRO A 50 -8.34 22.82 2.85
CA PRO A 50 -9.13 21.71 3.34
C PRO A 50 -8.62 20.41 2.77
N ASN A 51 -8.82 19.33 3.53
CA ASN A 51 -8.72 17.99 3.01
C ASN A 51 -9.88 17.79 2.05
N LEU A 52 -9.65 16.97 1.02
CA LEU A 52 -10.63 16.66 -0.01
C LEU A 52 -11.09 15.22 0.13
N VAL A 53 -12.36 14.97 -0.22
CA VAL A 53 -12.93 13.62 -0.28
C VAL A 53 -13.64 13.51 -1.63
N LEU A 54 -12.97 12.88 -2.61
CA LEU A 54 -13.45 12.83 -3.98
C LEU A 54 -14.24 11.54 -4.23
N LYS A 55 -15.43 11.69 -4.81
CA LYS A 55 -16.30 10.56 -5.09
C LYS A 55 -16.61 10.54 -6.58
N TYR A 56 -16.50 9.35 -7.20
CA TYR A 56 -16.75 9.21 -8.63
C TYR A 56 -18.25 9.30 -8.89
N ASN A 57 -18.63 10.22 -9.79
CA ASN A 57 -19.99 10.30 -10.29
C ASN A 57 -20.00 9.77 -11.71
N ARG A 58 -20.66 8.63 -11.93
CA ARG A 58 -20.64 7.99 -13.23
C ARG A 58 -21.42 8.80 -14.26
N ALA A 59 -22.55 9.38 -13.87
CA ALA A 59 -23.36 10.14 -14.80
C ALA A 59 -22.52 11.25 -15.43
N GLN A 60 -21.71 11.93 -14.63
CA GLN A 60 -20.91 13.05 -15.10
C GLN A 60 -19.54 12.61 -15.62
N ASN A 61 -19.12 11.39 -15.28
CA ASN A 61 -17.72 10.96 -15.44
C ASN A 61 -16.79 11.98 -14.77
N ARG A 62 -17.04 12.24 -13.48
CA ARG A 62 -16.22 13.16 -12.74
C ARG A 62 -16.01 12.67 -11.31
N LEU A 63 -14.83 13.00 -10.79
CA LEU A 63 -14.57 12.94 -9.37
C LEU A 63 -14.98 14.27 -8.76
N VAL A 64 -15.90 14.21 -7.79
CA VAL A 64 -16.47 15.40 -7.18
C VAL A 64 -16.19 15.33 -5.68
N ASN A 65 -15.76 16.46 -5.13
CA ASN A 65 -15.52 16.59 -3.70
C ASN A 65 -16.83 16.67 -2.94
N ILE A 66 -17.01 15.74 -1.99
CA ILE A 66 -18.22 15.70 -1.17
C ILE A 66 -17.97 16.35 0.19
N ALA A 67 -16.71 16.71 0.53
CA ALA A 67 -16.43 17.45 1.75
C ALA A 67 -16.61 18.95 1.54
N VAL A 68 -17.85 19.34 1.22
CA VAL A 68 -18.18 20.69 0.77
C VAL A 68 -18.12 21.68 1.95
N ASP A 69 -18.03 22.96 1.62
CA ASP A 69 -17.86 24.00 2.60
C ASP A 69 -19.23 24.33 3.19
N GLU A 70 -19.78 23.39 3.98
CA GLU A 70 -21.10 23.50 4.55
C GLU A 70 -21.08 22.91 5.96
N ARG A 71 -21.34 23.75 6.98
CA ARG A 71 -21.13 23.36 8.36
C ARG A 71 -22.12 22.25 8.74
N SER A 72 -23.27 22.20 8.06
CA SER A 72 -24.28 21.20 8.32
C SER A 72 -24.00 19.88 7.59
N SER A 73 -23.02 19.85 6.68
CA SER A 73 -22.65 18.61 6.01
C SER A 73 -22.05 17.60 6.98
N PRO A 74 -22.43 16.31 6.91
CA PRO A 74 -21.80 15.27 7.73
C PRO A 74 -20.28 15.12 7.53
N TYR A 75 -19.76 15.58 6.37
CA TYR A 75 -18.34 15.47 6.07
C TYR A 75 -17.55 16.70 6.50
N TYR A 76 -18.21 17.71 7.10
CA TYR A 76 -17.59 19.01 7.29
C TYR A 76 -16.29 18.92 8.09
N ALA A 77 -16.29 18.14 9.19
CA ALA A 77 -15.13 18.02 10.06
C ALA A 77 -13.90 17.49 9.31
N LEU A 78 -14.12 16.67 8.28
CA LEU A 78 -13.01 16.10 7.50
C LEU A 78 -12.17 17.18 6.81
N ARG A 79 -12.73 18.35 6.50
CA ARG A 79 -11.99 19.41 5.83
C ARG A 79 -10.80 19.83 6.68
N ASP A 80 -11.03 20.02 7.99
CA ASP A 80 -10.00 20.39 8.95
C ASP A 80 -9.03 21.41 8.34
N ARG A 81 -9.56 22.57 7.96
CA ARG A 81 -8.78 23.56 7.22
C ARG A 81 -7.60 24.04 8.07
N GLN A 82 -7.78 24.06 9.41
CA GLN A 82 -6.71 24.51 10.30
C GLN A 82 -5.54 23.54 10.39
N GLY A 83 -5.79 22.25 10.11
CA GLY A 83 -4.74 21.23 10.12
C GLY A 83 -3.85 21.31 8.89
N ASN A 84 -2.53 21.30 9.10
CA ASN A 84 -1.59 21.16 8.01
C ASN A 84 -1.28 19.67 7.85
N ALA A 85 -2.12 19.00 7.07
CA ALA A 85 -2.07 17.56 6.94
C ALA A 85 -0.95 17.15 5.98
N ILE A 86 -0.28 16.04 6.31
CA ILE A 86 0.79 15.49 5.50
C ILE A 86 0.49 14.03 5.18
N GLY A 87 0.31 13.19 6.21
CA GLY A 87 0.03 11.78 6.03
C GLY A 87 -1.45 11.46 6.27
N VAL A 88 -1.95 10.44 5.59
CA VAL A 88 -3.31 9.98 5.74
C VAL A 88 -3.36 8.46 5.51
N THR A 89 -4.25 7.79 6.27
CA THR A 89 -4.64 6.43 6.02
C THR A 89 -5.99 6.17 6.68
N ALA A 90 -6.60 5.04 6.33
CA ALA A 90 -7.91 4.64 6.80
C ALA A 90 -7.89 3.15 7.17
N CYS A 91 -8.52 2.83 8.31
CA CYS A 91 -8.39 1.54 8.98
C CYS A 91 -9.63 1.39 9.88
N ASP A 92 -10.16 0.18 10.05
CA ASP A 92 -11.25 -0.06 11.00
C ASP A 92 -10.66 -0.30 12.39
N ILE A 93 -10.68 0.72 13.26
CA ILE A 93 -10.03 0.56 14.56
C ILE A 93 -10.94 -0.10 15.59
N ASP A 94 -12.28 -0.02 15.41
CA ASP A 94 -13.18 -0.49 16.47
C ASP A 94 -13.94 -1.76 16.10
N GLY A 95 -13.78 -2.25 14.87
CA GLY A 95 -14.38 -3.51 14.50
C GLY A 95 -15.86 -3.42 14.16
N ASP A 96 -16.32 -2.28 13.65
CA ASP A 96 -17.70 -2.13 13.22
C ASP A 96 -17.80 -2.40 11.72
N GLY A 97 -16.69 -2.66 11.03
CA GLY A 97 -16.74 -2.96 9.61
C GLY A 97 -16.56 -1.72 8.71
N ARG A 98 -16.39 -0.57 9.35
CA ARG A 98 -16.27 0.74 8.65
C ARG A 98 -14.90 1.36 9.00
N GLU A 99 -14.26 2.04 8.04
CA GLU A 99 -12.97 2.60 8.32
C GLU A 99 -13.07 3.99 8.94
N GLU A 100 -12.20 4.24 9.94
CA GLU A 100 -11.88 5.55 10.43
C GLU A 100 -10.76 6.16 9.59
N ILE A 101 -10.61 7.49 9.64
CA ILE A 101 -9.68 8.22 8.78
C ILE A 101 -8.73 9.04 9.65
N TYR A 102 -7.42 8.73 9.52
CA TYR A 102 -6.37 9.39 10.30
C TYR A 102 -5.59 10.38 9.41
N PHE A 103 -5.53 11.65 9.86
CA PHE A 103 -4.68 12.67 9.27
C PHE A 103 -3.57 13.02 10.25
N LEU A 104 -2.31 12.86 9.81
CA LEU A 104 -1.18 13.36 10.56
C LEU A 104 -0.97 14.82 10.16
N ASN A 105 -1.12 15.72 11.14
CA ASN A 105 -0.94 17.14 10.97
C ASN A 105 0.43 17.55 11.51
N THR A 106 1.09 18.51 10.85
CA THR A 106 2.47 18.86 11.18
C THR A 106 2.64 20.38 11.31
N ASN A 107 1.58 21.06 11.77
CA ASN A 107 1.54 22.51 11.87
C ASN A 107 2.81 23.09 12.52
N ASN A 108 3.48 23.98 11.78
CA ASN A 108 4.59 24.79 12.26
C ASN A 108 5.80 23.96 12.63
N ALA A 109 5.92 22.73 12.10
CA ALA A 109 7.08 21.92 12.46
C ALA A 109 7.51 21.04 11.28
N PHE A 110 8.81 21.05 11.01
CA PHE A 110 9.46 20.06 10.18
C PHE A 110 9.69 18.78 11.00
N SER A 111 10.16 18.99 12.23
CA SER A 111 10.52 17.94 13.19
C SER A 111 10.17 18.40 14.61
N GLY A 112 10.12 17.45 15.54
CA GLY A 112 9.88 17.74 16.95
C GLY A 112 8.47 18.26 17.21
N VAL A 113 8.34 19.38 17.94
CA VAL A 113 7.05 19.80 18.47
C VAL A 113 6.26 20.58 17.42
N ALA A 114 4.99 20.20 17.24
CA ALA A 114 4.07 20.88 16.33
C ALA A 114 3.00 21.59 17.16
N THR A 115 2.14 22.38 16.50
CA THR A 115 1.22 23.24 17.23
C THR A 115 -0.24 22.83 17.03
N TYR A 116 -0.49 21.67 16.41
CA TYR A 116 -1.85 21.20 16.17
C TYR A 116 -1.83 19.67 16.13
N THR A 117 -2.86 19.06 16.74
CA THR A 117 -2.88 17.63 16.96
C THR A 117 -3.28 16.93 15.66
N ASP A 118 -2.88 15.66 15.54
CA ASP A 118 -3.43 14.76 14.55
C ASP A 118 -4.93 14.60 14.74
N LYS A 119 -5.61 14.04 13.73
CA LYS A 119 -7.03 13.84 13.78
C LYS A 119 -7.34 12.38 13.43
N LEU A 120 -8.29 11.75 14.14
CA LEU A 120 -8.80 10.46 13.73
C LEU A 120 -10.32 10.52 13.69
N PHE A 121 -10.89 10.49 12.47
CA PHE A 121 -12.29 10.77 12.29
C PHE A 121 -13.07 9.47 12.25
N LYS A 122 -14.21 9.47 12.95
CA LYS A 122 -15.16 8.39 12.97
C LYS A 122 -16.56 8.94 12.68
N PHE A 123 -17.34 8.17 11.92
CA PHE A 123 -18.73 8.49 11.65
C PHE A 123 -19.59 8.09 12.85
N ARG A 124 -20.18 9.08 13.52
CA ARG A 124 -21.07 8.83 14.63
C ARG A 124 -21.93 10.08 14.85
N ASN A 125 -23.08 9.88 15.51
CA ASN A 125 -24.10 10.90 15.65
C ASN A 125 -24.34 11.51 14.27
N ASN A 126 -24.34 10.65 13.23
CA ASN A 126 -24.73 11.04 11.89
C ASN A 126 -23.73 11.96 11.20
N ARG A 127 -22.46 11.99 11.66
CA ARG A 127 -21.46 12.84 11.05
C ARG A 127 -20.06 12.36 11.39
N TRP A 128 -19.06 12.91 10.69
CA TRP A 128 -17.67 12.60 10.97
C TRP A 128 -17.19 13.46 12.12
N GLU A 129 -16.60 12.80 13.13
CA GLU A 129 -16.12 13.47 14.33
C GLU A 129 -14.72 12.97 14.66
N ASP A 130 -13.87 13.90 15.14
CA ASP A 130 -12.55 13.57 15.65
C ASP A 130 -12.66 12.88 16.99
N ILE A 131 -12.02 11.73 17.14
CA ILE A 131 -12.05 11.03 18.40
C ILE A 131 -10.75 11.21 19.18
N LEU A 132 -9.68 11.71 18.56
CA LEU A 132 -8.41 11.83 19.27
C LEU A 132 -8.51 12.83 20.43
N SER A 133 -9.31 13.88 20.26
CA SER A 133 -9.30 14.97 21.22
C SER A 133 -10.70 15.10 21.83
N ASP A 134 -11.51 14.04 21.76
CA ASP A 134 -12.86 14.11 22.30
C ASP A 134 -12.74 13.88 23.81
N ASP A 135 -13.87 14.00 24.54
CA ASP A 135 -13.92 13.87 25.99
C ASP A 135 -13.12 12.66 26.47
N VAL A 136 -13.37 11.55 25.81
CA VAL A 136 -12.85 10.26 26.26
C VAL A 136 -11.32 10.27 26.25
N ASN A 137 -10.73 10.85 25.18
CA ASN A 137 -9.35 10.55 24.82
C ASN A 137 -8.43 11.72 25.07
N VAL A 138 -8.97 12.92 25.24
CA VAL A 138 -8.14 14.11 25.22
C VAL A 138 -7.05 14.01 26.28
N ALA A 139 -7.31 13.31 27.40
CA ALA A 139 -6.30 13.13 28.43
C ALA A 139 -5.76 11.71 28.45
N ARG A 140 -5.76 11.00 27.31
CA ARG A 140 -5.31 9.61 27.32
C ARG A 140 -3.99 9.46 26.56
N GLY A 141 -3.29 10.58 26.28
CA GLY A 141 -1.96 10.55 25.68
C GLY A 141 -1.94 9.98 24.26
N VAL A 142 -3.00 10.23 23.47
CA VAL A 142 -3.08 9.70 22.12
C VAL A 142 -3.13 10.83 21.08
N ALA A 143 -3.43 12.05 21.51
CA ALA A 143 -3.30 13.22 20.67
C ALA A 143 -2.12 14.03 21.20
N SER A 144 -1.06 14.06 20.41
CA SER A 144 0.14 14.81 20.75
C SER A 144 0.48 15.75 19.60
N LEU A 145 1.49 16.56 19.91
CA LEU A 145 1.85 17.68 19.09
C LEU A 145 3.25 17.41 18.57
N PHE A 146 3.35 16.48 17.59
CA PHE A 146 4.64 16.15 16.98
C PHE A 146 4.55 16.25 15.45
N ALA A 147 5.63 16.73 14.85
CA ALA A 147 5.83 16.57 13.42
C ALA A 147 5.89 15.09 13.09
N GLY A 148 5.45 14.73 11.88
CA GLY A 148 5.59 13.37 11.39
C GLY A 148 5.29 13.31 9.90
N ARG A 149 5.20 12.10 9.38
CA ARG A 149 5.08 11.91 7.97
C ARG A 149 3.99 10.87 7.72
N SER A 150 4.37 9.59 7.56
CA SER A 150 3.44 8.59 7.08
C SER A 150 2.71 7.92 8.23
N VAL A 151 1.54 7.38 7.92
CA VAL A 151 0.79 6.52 8.83
C VAL A 151 0.42 5.24 8.09
N ALA A 152 0.16 4.16 8.83
CA ALA A 152 -0.26 2.89 8.24
C ALA A 152 -1.07 2.07 9.24
N CYS A 153 -2.06 1.34 8.72
CA CYS A 153 -2.83 0.36 9.49
C CYS A 153 -1.98 -0.85 9.80
N VAL A 154 -2.15 -1.39 11.01
CA VAL A 154 -1.49 -2.61 11.41
C VAL A 154 -2.48 -3.44 12.23
N ASP A 155 -2.79 -4.66 11.76
CA ASP A 155 -3.56 -5.63 12.54
C ASP A 155 -2.61 -6.38 13.47
N ARG A 156 -2.31 -5.71 14.59
CA ARG A 156 -1.18 -6.00 15.46
C ARG A 156 -1.25 -7.42 16.04
N THR A 157 -2.44 -7.87 16.46
CA THR A 157 -2.58 -9.18 17.06
C THR A 157 -3.48 -10.10 16.23
N GLY A 158 -3.82 -9.73 14.99
CA GLY A 158 -4.73 -10.55 14.20
C GLY A 158 -6.19 -10.51 14.69
N SER A 159 -6.55 -9.50 15.50
CA SER A 159 -7.89 -9.39 16.05
C SER A 159 -8.91 -8.89 15.03
N GLY A 160 -8.46 -8.20 13.97
CA GLY A 160 -9.36 -7.62 12.99
C GLY A 160 -9.71 -6.16 13.32
N ARG A 161 -9.20 -5.68 14.46
CA ARG A 161 -9.28 -4.28 14.82
C ARG A 161 -7.90 -3.66 14.68
N TYR A 162 -7.81 -2.59 13.90
CA TYR A 162 -6.50 -2.07 13.49
C TYR A 162 -5.90 -1.08 14.50
N SER A 163 -4.58 -1.16 14.61
CA SER A 163 -3.75 -0.10 15.18
C SER A 163 -3.27 0.79 14.03
N ILE A 164 -2.92 2.02 14.37
CA ILE A 164 -2.39 2.95 13.40
C ILE A 164 -0.98 3.34 13.82
N TYR A 165 0.00 2.98 12.96
CA TYR A 165 1.40 3.30 13.13
C TYR A 165 1.61 4.73 12.67
N ILE A 166 2.27 5.53 13.51
CA ILE A 166 2.47 6.95 13.33
C ILE A 166 3.98 7.18 13.21
N ALA A 167 4.45 7.47 12.00
CA ALA A 167 5.86 7.77 11.77
C ALA A 167 6.12 9.25 12.04
N ASN A 168 6.47 9.53 13.30
CA ASN A 168 6.78 10.86 13.74
C ASN A 168 8.21 11.19 13.34
N TYR A 169 8.49 12.50 13.30
CA TYR A 169 9.83 12.99 12.96
C TYR A 169 10.42 13.62 14.23
N ALA A 170 11.26 12.84 14.89
CA ALA A 170 11.81 13.27 16.16
C ALA A 170 12.77 14.43 15.97
N TYR A 171 12.92 15.22 17.02
CA TYR A 171 14.01 16.17 17.15
C TYR A 171 14.72 15.86 18.46
N GLY A 172 15.94 15.28 18.38
CA GLY A 172 16.59 14.80 19.58
C GLY A 172 15.73 13.72 20.24
N ASP A 173 15.43 13.90 21.53
CA ASP A 173 14.68 12.92 22.30
C ASP A 173 13.23 13.40 22.45
N VAL A 174 12.71 14.10 21.44
CA VAL A 174 11.31 14.54 21.42
C VAL A 174 10.63 13.95 20.20
N GLY A 175 9.51 13.25 20.41
CA GLY A 175 8.63 12.84 19.33
C GLY A 175 8.88 11.40 18.86
N PRO A 176 8.66 10.38 19.72
CA PRO A 176 8.79 8.98 19.29
C PRO A 176 7.62 8.55 18.40
N ASP A 177 7.79 7.45 17.69
CA ASP A 177 6.72 6.88 16.90
C ASP A 177 5.63 6.41 17.85
N ALA A 178 4.38 6.37 17.35
CA ALA A 178 3.24 5.92 18.12
C ALA A 178 2.53 4.77 17.42
N LEU A 179 1.74 4.03 18.19
CA LEU A 179 0.93 2.93 17.67
C LEU A 179 -0.41 2.97 18.40
N ILE A 180 -1.41 3.55 17.74
CA ILE A 180 -2.66 3.98 18.37
C ILE A 180 -3.70 2.90 18.09
N GLU A 181 -4.43 2.48 19.12
CA GLU A 181 -5.49 1.51 18.92
C GLU A 181 -6.55 1.62 20.00
N MET A 182 -7.64 0.90 19.78
CA MET A 182 -8.72 0.86 20.74
C MET A 182 -8.28 0.10 21.99
N ASP A 183 -8.65 0.67 23.17
CA ASP A 183 -8.48 0.03 24.48
C ASP A 183 -9.83 -0.57 24.86
N PRO A 184 -10.02 -1.90 24.70
CA PRO A 184 -11.32 -2.53 24.95
C PRO A 184 -11.82 -2.34 26.38
N GLU A 185 -10.90 -2.33 27.35
CA GLU A 185 -11.28 -2.31 28.75
C GLU A 185 -11.87 -0.95 29.13
N ALA A 186 -11.48 0.12 28.42
CA ALA A 186 -11.98 1.46 28.69
C ALA A 186 -13.05 1.89 27.66
N SER A 187 -13.45 0.96 26.78
CA SER A 187 -14.41 1.30 25.74
C SER A 187 -15.78 0.69 26.05
N ASP A 188 -16.82 1.40 25.60
CA ASP A 188 -18.17 0.87 25.57
C ASP A 188 -18.83 1.30 24.27
N LEU A 189 -18.77 0.43 23.25
CA LEU A 189 -19.14 0.83 21.91
C LEU A 189 -20.65 1.05 21.82
N SER A 190 -21.42 0.37 22.69
CA SER A 190 -22.86 0.53 22.71
C SER A 190 -23.24 1.97 23.04
N ARG A 191 -22.37 2.68 23.74
CA ARG A 191 -22.61 4.06 24.10
C ARG A 191 -21.71 5.01 23.32
N GLY A 192 -20.99 4.49 22.32
CA GLY A 192 -20.07 5.30 21.53
C GLY A 192 -18.82 5.72 22.30
N ILE A 193 -18.47 5.02 23.39
CA ILE A 193 -17.26 5.35 24.12
C ILE A 193 -16.14 4.53 23.51
N LEU A 194 -15.33 5.21 22.69
CA LEU A 194 -14.22 4.57 22.03
C LEU A 194 -12.92 5.11 22.62
N ALA A 195 -12.35 4.32 23.53
CA ALA A 195 -11.15 4.70 24.24
C ALA A 195 -9.94 4.22 23.47
N LEU A 196 -8.93 5.08 23.32
CA LEU A 196 -7.73 4.75 22.57
C LEU A 196 -6.53 4.63 23.50
N ARG A 197 -5.48 3.94 23.04
CA ARG A 197 -4.21 3.91 23.75
C ARG A 197 -3.07 3.86 22.73
N ASP A 198 -1.92 4.33 23.20
CA ASP A 198 -0.67 4.19 22.47
C ASP A 198 0.09 2.99 23.02
N VAL A 199 0.34 1.96 22.20
CA VAL A 199 1.03 0.77 22.64
C VAL A 199 2.42 0.65 22.00
N ALA A 200 2.96 1.76 21.51
CA ALA A 200 4.24 1.72 20.79
C ALA A 200 5.32 1.15 21.68
N ALA A 201 5.37 1.55 22.96
CA ALA A 201 6.43 1.14 23.89
C ALA A 201 6.38 -0.37 24.12
N GLU A 202 5.22 -0.87 24.57
CA GLU A 202 5.09 -2.31 24.82
C GLU A 202 5.25 -3.11 23.52
N ALA A 203 4.86 -2.56 22.36
CA ALA A 203 4.96 -3.30 21.10
C ALA A 203 6.38 -3.34 20.55
N GLY A 204 7.27 -2.48 21.05
CA GLY A 204 8.67 -2.49 20.66
C GLY A 204 9.02 -1.51 19.55
N VAL A 205 8.13 -0.54 19.24
CA VAL A 205 8.31 0.36 18.09
C VAL A 205 8.35 1.83 18.52
N SER A 206 8.51 2.10 19.82
CA SER A 206 8.65 3.48 20.30
C SER A 206 10.09 3.95 20.08
N LYS A 207 10.36 4.49 18.90
CA LYS A 207 11.72 4.85 18.49
C LYS A 207 11.75 6.34 18.17
N TYR A 208 12.93 6.95 18.34
CA TYR A 208 13.14 8.34 17.99
C TYR A 208 13.88 8.41 16.65
N THR A 209 13.16 8.71 15.56
CA THR A 209 13.72 8.62 14.22
C THR A 209 13.15 9.73 13.35
N ALA A 210 13.90 10.03 12.28
CA ALA A 210 13.42 10.88 11.20
C ALA A 210 12.54 10.06 10.27
N GLY A 211 11.28 9.88 10.71
CA GLY A 211 10.35 9.01 10.02
C GLY A 211 9.98 9.52 8.63
N ARG A 212 9.87 8.61 7.66
CA ARG A 212 9.48 8.95 6.31
C ARG A 212 8.37 8.01 5.87
N GLY A 213 8.77 6.88 5.25
CA GLY A 213 7.85 5.91 4.67
C GLY A 213 7.58 4.72 5.60
N VAL A 214 6.42 4.10 5.41
CA VAL A 214 6.03 2.91 6.14
C VAL A 214 5.32 1.98 5.17
N SER A 215 5.51 0.68 5.38
CA SER A 215 4.71 -0.32 4.70
C SER A 215 4.43 -1.47 5.66
N VAL A 216 3.27 -2.11 5.51
CA VAL A 216 2.86 -3.14 6.44
C VAL A 216 2.44 -4.37 5.64
N GLY A 217 2.89 -5.52 6.12
CA GLY A 217 2.35 -6.77 5.59
C GLY A 217 3.23 -7.92 6.03
N PRO A 218 2.93 -9.15 5.55
CA PRO A 218 3.70 -10.33 5.90
C PRO A 218 4.97 -10.39 5.05
N ILE A 219 6.06 -9.87 5.60
CA ILE A 219 7.30 -9.77 4.86
C ILE A 219 8.17 -10.98 5.22
N LEU A 220 8.51 -11.07 6.51
CA LEU A 220 9.22 -12.23 7.07
C LEU A 220 8.21 -13.22 7.65
N SER A 221 7.13 -12.70 8.27
CA SER A 221 6.02 -13.51 8.73
C SER A 221 5.32 -14.16 7.53
N SER A 222 4.90 -15.39 7.77
CA SER A 222 4.04 -16.14 6.88
C SER A 222 2.67 -15.48 6.73
N SER A 223 2.07 -14.97 7.83
CA SER A 223 0.73 -14.41 7.78
C SER A 223 0.60 -13.09 8.56
N ALA A 224 1.29 -12.99 9.70
CA ALA A 224 1.23 -11.80 10.56
C ALA A 224 1.82 -10.57 9.86
N SER A 225 1.35 -9.39 10.32
CA SER A 225 1.73 -8.11 9.75
C SER A 225 3.04 -7.66 10.37
N ASP A 226 4.09 -7.56 9.55
CA ASP A 226 5.35 -6.90 9.91
C ASP A 226 5.23 -5.44 9.48
N ILE A 227 6.18 -4.64 9.94
CA ILE A 227 6.20 -3.21 9.66
C ILE A 227 7.58 -2.87 9.12
N PHE A 228 7.61 -2.26 7.92
CA PHE A 228 8.85 -1.75 7.38
C PHE A 228 8.82 -0.24 7.37
N CYS A 229 9.78 0.38 8.06
CA CYS A 229 9.92 1.83 8.11
C CYS A 229 11.21 2.23 7.43
N ASP A 230 11.08 2.98 6.33
CA ASP A 230 12.26 3.51 5.65
C ASP A 230 12.46 4.95 6.12
N ASN A 231 13.54 5.16 6.89
CA ASN A 231 13.76 6.42 7.58
C ASN A 231 14.88 7.19 6.89
N GLU A 232 15.12 8.40 7.39
CA GLU A 232 16.26 9.17 6.94
C GLU A 232 17.15 9.49 8.13
N ASN A 233 18.40 9.87 7.81
CA ASN A 233 19.42 10.17 8.79
C ASN A 233 19.53 9.03 9.79
N GLY A 234 19.52 7.79 9.30
CA GLY A 234 19.63 6.63 10.16
C GLY A 234 19.14 5.37 9.46
N PRO A 235 19.23 4.22 10.16
CA PRO A 235 18.76 2.94 9.63
C PRO A 235 17.24 2.85 9.46
N ASN A 236 16.84 2.03 8.49
CA ASN A 236 15.46 1.60 8.35
C ASN A 236 15.21 0.56 9.42
N PHE A 237 13.95 0.36 9.80
CA PHE A 237 13.54 -0.73 10.67
C PHE A 237 12.69 -1.72 9.90
N LEU A 238 12.97 -3.01 10.13
CA LEU A 238 12.11 -4.08 9.67
C LEU A 238 11.61 -4.83 10.91
N PHE A 239 10.42 -4.44 11.34
CA PHE A 239 9.84 -4.93 12.57
C PHE A 239 9.13 -6.25 12.31
N HIS A 240 9.77 -7.34 12.77
CA HIS A 240 9.27 -8.69 12.62
C HIS A 240 8.25 -8.95 13.74
N ASN A 241 7.01 -9.22 13.34
CA ASN A 241 5.95 -9.55 14.27
C ASN A 241 6.26 -10.87 14.96
N GLN A 242 6.16 -10.85 16.29
CA GLN A 242 6.57 -11.97 17.14
C GLN A 242 5.40 -12.88 17.43
N GLY A 243 4.18 -12.50 16.99
CA GLY A 243 3.00 -13.34 17.17
C GLY A 243 2.21 -13.00 18.43
N ASN A 244 2.73 -12.04 19.23
CA ASN A 244 2.12 -11.70 20.50
C ASN A 244 1.91 -10.18 20.57
N GLY A 245 1.71 -9.52 19.42
CA GLY A 245 1.46 -8.09 19.38
C GLY A 245 2.73 -7.24 19.53
N THR A 246 3.90 -7.88 19.54
CA THR A 246 5.15 -7.16 19.71
C THR A 246 6.03 -7.45 18.50
N PHE A 247 7.08 -6.64 18.37
CA PHE A 247 7.95 -6.64 17.20
C PHE A 247 9.41 -6.56 17.62
N VAL A 248 10.28 -7.14 16.78
CA VAL A 248 11.73 -7.08 16.94
C VAL A 248 12.30 -6.62 15.60
N ASP A 249 13.19 -5.63 15.64
CA ASP A 249 13.83 -5.13 14.44
C ASP A 249 14.83 -6.15 13.90
N THR A 250 14.79 -6.42 12.58
CA THR A 250 15.66 -7.38 11.93
C THR A 250 16.36 -6.76 10.71
N ALA A 251 16.38 -5.42 10.57
CA ALA A 251 16.80 -4.83 9.30
C ALA A 251 18.27 -5.08 9.00
N ALA A 252 19.16 -4.87 9.98
CA ALA A 252 20.58 -4.99 9.73
C ALA A 252 20.89 -6.41 9.25
N SER A 253 20.43 -7.40 10.01
CA SER A 253 20.56 -8.82 9.68
C SER A 253 19.99 -9.16 8.29
N ALA A 254 18.86 -8.54 7.91
CA ALA A 254 18.19 -8.85 6.65
C ALA A 254 18.79 -8.05 5.48
N GLY A 255 19.60 -7.04 5.77
CA GLY A 255 20.31 -6.27 4.77
C GLY A 255 19.48 -5.15 4.15
N VAL A 256 18.50 -4.63 4.91
CA VAL A 256 17.66 -3.54 4.45
C VAL A 256 17.68 -2.34 5.41
N ASP A 257 18.71 -2.24 6.26
CA ASP A 257 18.83 -1.10 7.15
C ASP A 257 19.23 0.15 6.37
N ASP A 258 20.06 -0.02 5.33
CA ASP A 258 20.43 1.03 4.39
C ASP A 258 20.71 2.35 5.14
N PRO A 259 21.66 2.36 6.09
CA PRO A 259 21.76 3.46 7.06
C PRO A 259 22.27 4.82 6.55
N HIS A 260 22.88 4.86 5.35
CA HIS A 260 23.46 6.07 4.84
C HIS A 260 22.56 6.72 3.80
N GLN A 261 21.34 6.22 3.61
CA GLN A 261 20.44 6.81 2.62
C GLN A 261 19.15 7.24 3.32
N HIS A 262 18.27 7.91 2.57
CA HIS A 262 17.12 8.61 3.13
C HIS A 262 15.87 8.18 2.39
N GLY A 263 15.09 7.27 2.99
CA GLY A 263 13.97 6.65 2.30
C GLY A 263 12.81 7.63 2.09
N ARG A 264 12.02 7.37 1.04
CA ARG A 264 10.75 8.04 0.74
C ARG A 264 9.74 6.96 0.41
N GLY A 265 9.12 7.01 -0.78
CA GLY A 265 8.07 6.08 -1.16
C GLY A 265 8.55 4.63 -1.04
N VAL A 266 7.64 3.75 -0.58
CA VAL A 266 7.96 2.36 -0.32
C VAL A 266 6.74 1.49 -0.68
N ALA A 267 7.00 0.30 -1.22
CA ALA A 267 5.96 -0.67 -1.50
C ALA A 267 6.49 -2.08 -1.32
N LEU A 268 5.57 -2.98 -0.94
CA LEU A 268 5.81 -4.41 -0.81
C LEU A 268 5.20 -5.12 -2.00
N ALA A 269 5.93 -6.10 -2.56
CA ALA A 269 5.47 -6.81 -3.74
C ALA A 269 6.31 -8.06 -3.91
N ASP A 270 5.85 -8.98 -4.77
CA ASP A 270 6.64 -10.15 -5.08
C ASP A 270 7.01 -10.10 -6.57
N PHE A 271 8.15 -9.48 -6.86
CA PHE A 271 8.55 -9.18 -8.25
C PHE A 271 8.94 -10.43 -9.04
N ASN A 272 9.61 -11.39 -8.39
CA ASN A 272 10.09 -12.60 -9.03
C ASN A 272 9.12 -13.75 -8.85
N ARG A 273 8.00 -13.49 -8.15
CA ARG A 273 6.89 -14.43 -8.04
C ARG A 273 7.38 -15.77 -7.50
N ASP A 274 8.15 -15.71 -6.40
CA ASP A 274 8.60 -16.88 -5.67
C ASP A 274 7.87 -17.02 -4.33
N GLY A 275 6.83 -16.21 -4.10
CA GLY A 275 6.05 -16.28 -2.88
C GLY A 275 6.70 -15.56 -1.69
N LYS A 276 7.89 -14.98 -1.89
CA LYS A 276 8.58 -14.27 -0.82
C LYS A 276 8.49 -12.78 -1.13
N VAL A 277 8.07 -12.00 -0.13
CA VAL A 277 7.75 -10.59 -0.30
C VAL A 277 9.03 -9.77 -0.42
N ASP A 278 9.06 -8.92 -1.46
CA ASP A 278 10.20 -8.09 -1.79
C ASP A 278 9.83 -6.66 -1.39
N ILE A 279 10.85 -5.79 -1.31
CA ILE A 279 10.69 -4.41 -0.90
C ILE A 279 11.29 -3.50 -1.96
N VAL A 280 10.50 -2.53 -2.42
CA VAL A 280 11.01 -1.48 -3.30
C VAL A 280 10.84 -0.13 -2.61
N TYR A 281 11.89 0.71 -2.66
CA TYR A 281 11.70 2.08 -2.18
C TYR A 281 12.65 3.07 -2.83
N GLY A 282 12.21 4.33 -2.82
CA GLY A 282 13.01 5.45 -3.30
C GLY A 282 13.90 5.96 -2.19
N ASN A 283 15.11 6.38 -2.57
CA ASN A 283 16.00 7.10 -1.68
C ASN A 283 16.12 8.53 -2.16
N TRP A 284 15.89 9.48 -1.25
CA TRP A 284 15.95 10.90 -1.58
C TRP A 284 17.35 11.26 -2.12
N ASN A 285 17.39 11.71 -3.38
CA ASN A 285 18.61 12.01 -4.11
C ASN A 285 19.65 10.88 -3.97
N GLY A 286 19.19 9.62 -4.08
CA GLY A 286 20.02 8.49 -3.73
C GLY A 286 19.66 7.28 -4.54
N PRO A 287 20.37 6.17 -4.33
CA PRO A 287 20.16 4.96 -5.10
C PRO A 287 18.91 4.21 -4.67
N HIS A 288 17.87 4.30 -5.51
CA HIS A 288 16.60 3.65 -5.24
C HIS A 288 16.86 2.14 -5.19
N ARG A 289 16.10 1.45 -4.32
CA ARG A 289 16.35 0.06 -4.00
C ARG A 289 15.22 -0.83 -4.50
N LEU A 290 15.60 -1.99 -5.04
CA LEU A 290 14.66 -3.06 -5.31
C LEU A 290 15.21 -4.33 -4.69
N TYR A 291 14.74 -4.62 -3.47
CA TYR A 291 15.32 -5.68 -2.66
C TYR A 291 14.50 -6.95 -2.83
N LEU A 292 15.09 -7.97 -3.46
CA LEU A 292 14.46 -9.29 -3.49
C LEU A 292 14.77 -10.04 -2.20
N GLN A 293 13.72 -10.64 -1.62
CA GLN A 293 13.94 -11.49 -0.46
C GLN A 293 14.56 -12.79 -0.93
N MET A 294 15.64 -13.18 -0.24
CA MET A 294 16.38 -14.39 -0.52
CA MET A 294 16.40 -14.39 -0.52
C MET A 294 16.64 -15.10 0.81
N SER A 295 17.12 -16.35 0.75
CA SER A 295 17.32 -17.15 1.94
C SER A 295 18.76 -17.65 1.99
N ALA A 296 19.70 -16.72 2.21
CA ALA A 296 21.13 -17.03 2.29
C ALA A 296 21.50 -17.54 3.69
N HIS A 297 22.08 -18.76 3.73
CA HIS A 297 22.55 -19.42 4.95
C HIS A 297 21.38 -19.83 5.85
N GLY A 298 20.25 -20.25 5.24
CA GLY A 298 19.07 -20.62 6.00
C GLY A 298 18.47 -19.43 6.75
N LYS A 299 19.14 -18.28 6.71
CA LYS A 299 18.62 -17.02 7.23
C LYS A 299 18.16 -16.15 6.06
N VAL A 300 17.14 -15.33 6.33
CA VAL A 300 16.60 -14.43 5.32
C VAL A 300 17.59 -13.28 5.12
N ARG A 301 17.74 -12.86 3.86
CA ARG A 301 18.67 -11.80 3.50
C ARG A 301 18.22 -11.22 2.17
N PHE A 302 17.97 -9.90 2.11
CA PHE A 302 17.53 -9.24 0.89
C PHE A 302 18.73 -8.84 0.04
N ARG A 303 18.54 -8.84 -1.29
CA ARG A 303 19.57 -8.52 -2.27
C ARG A 303 19.01 -7.46 -3.23
N ASP A 304 19.69 -6.32 -3.34
CA ASP A 304 19.31 -5.25 -4.26
C ASP A 304 19.56 -5.69 -5.70
N ILE A 305 18.57 -5.52 -6.59
CA ILE A 305 18.77 -5.82 -8.00
C ILE A 305 18.57 -4.57 -8.86
N ALA A 306 18.45 -3.37 -8.26
CA ALA A 306 18.20 -2.15 -9.00
C ALA A 306 19.24 -1.99 -10.11
N SER A 307 18.77 -1.68 -11.33
CA SER A 307 19.64 -1.37 -12.45
C SER A 307 20.21 0.04 -12.27
N PRO A 308 21.26 0.42 -13.03
CA PRO A 308 21.77 1.79 -12.96
C PRO A 308 20.72 2.84 -13.25
N LYS A 309 19.84 2.59 -14.21
CA LYS A 309 18.78 3.55 -14.50
C LYS A 309 17.77 3.63 -13.35
N PHE A 310 17.36 2.47 -12.85
CA PHE A 310 16.41 2.42 -11.73
C PHE A 310 16.94 3.16 -10.51
N SER A 311 18.25 2.99 -10.25
CA SER A 311 18.84 3.54 -9.04
C SER A 311 19.38 4.96 -9.27
N THR A 312 19.17 5.55 -10.45
CA THR A 312 19.67 6.89 -10.71
C THR A 312 19.05 7.84 -9.68
N PRO A 313 19.83 8.60 -8.90
CA PRO A 313 19.27 9.51 -7.90
C PRO A 313 18.24 10.48 -8.48
N SER A 314 17.19 10.77 -7.69
CA SER A 314 16.17 11.76 -8.02
C SER A 314 15.51 12.28 -6.73
N PRO A 315 14.80 13.44 -6.77
CA PRO A 315 13.99 13.91 -5.64
C PRO A 315 12.66 13.17 -5.53
N VAL A 316 12.75 11.89 -5.16
CA VAL A 316 11.63 10.97 -5.18
C VAL A 316 10.73 11.26 -3.98
N ARG A 317 9.43 11.14 -4.22
CA ARG A 317 8.45 11.12 -3.11
C ARG A 317 7.67 9.81 -3.23
N THR A 318 6.65 9.81 -4.08
CA THR A 318 5.68 8.69 -4.12
C THR A 318 6.31 7.51 -4.90
N VAL A 319 6.18 6.30 -4.37
CA VAL A 319 6.56 5.07 -5.12
C VAL A 319 5.37 4.09 -5.08
N ILE A 320 4.93 3.65 -6.26
CA ILE A 320 3.80 2.73 -6.37
C ILE A 320 4.19 1.57 -7.26
N ALA A 321 3.86 0.36 -6.86
CA ALA A 321 4.04 -0.83 -7.67
C ALA A 321 2.68 -1.41 -8.01
N ALA A 322 2.36 -1.44 -9.30
CA ALA A 322 1.04 -1.88 -9.74
C ALA A 322 1.12 -2.42 -11.16
N ASP A 323 0.14 -3.23 -11.56
CA ASP A 323 0.07 -3.74 -12.93
C ASP A 323 -0.87 -2.86 -13.75
N PHE A 324 -0.32 -1.75 -14.27
CA PHE A 324 -1.12 -0.74 -14.93
C PHE A 324 -1.72 -1.19 -16.25
N ASP A 325 -1.10 -2.17 -16.93
CA ASP A 325 -1.57 -2.65 -18.23
C ASP A 325 -2.04 -4.11 -18.16
N ASN A 326 -2.22 -4.64 -16.95
CA ASN A 326 -2.73 -6.00 -16.76
C ASN A 326 -1.93 -7.06 -17.53
N ASP A 327 -0.63 -6.85 -17.73
CA ASP A 327 0.15 -7.76 -18.56
C ASP A 327 0.83 -8.85 -17.74
N GLN A 328 0.58 -8.88 -16.42
CA GLN A 328 1.12 -9.84 -15.45
C GLN A 328 2.38 -9.33 -14.75
N GLU A 329 3.06 -8.33 -15.33
CA GLU A 329 4.29 -7.81 -14.76
C GLU A 329 3.97 -6.51 -14.01
N LEU A 330 4.59 -6.33 -12.85
CA LEU A 330 4.40 -5.10 -12.08
C LEU A 330 5.22 -3.99 -12.72
N GLU A 331 4.62 -2.79 -12.76
CA GLU A 331 5.31 -1.56 -13.06
C GLU A 331 5.61 -0.83 -11.74
N VAL A 332 6.69 -0.07 -11.71
CA VAL A 332 6.97 0.80 -10.58
C VAL A 332 7.00 2.26 -11.06
N PHE A 333 6.16 3.08 -10.41
CA PHE A 333 6.03 4.49 -10.72
C PHE A 333 6.71 5.32 -9.63
N PHE A 334 7.51 6.31 -10.07
CA PHE A 334 8.19 7.26 -9.20
C PHE A 334 7.68 8.66 -9.50
N ASN A 335 7.13 9.29 -8.46
CA ASN A 335 6.61 10.64 -8.50
C ASN A 335 7.71 11.51 -7.89
N ASN A 336 8.40 12.26 -8.75
CA ASN A 336 9.53 13.09 -8.35
C ASN A 336 9.03 14.51 -8.18
N ILE A 337 9.64 15.24 -7.23
CA ILE A 337 9.24 16.61 -6.97
C ILE A 337 10.24 17.57 -7.62
N ALA A 338 9.72 18.41 -8.52
CA ALA A 338 10.57 19.29 -9.33
C ALA A 338 10.75 20.61 -8.62
N TYR A 339 11.39 20.58 -7.44
CA TYR A 339 11.42 21.74 -6.57
C TYR A 339 12.48 22.75 -7.02
N ARG A 340 13.54 22.28 -7.68
CA ARG A 340 14.63 23.22 -8.09
C ARG A 340 14.77 23.21 -9.62
N SER A 341 14.48 22.08 -10.26
CA SER A 341 14.63 21.94 -11.69
C SER A 341 13.63 20.90 -12.18
N SER A 342 13.52 20.77 -13.49
CA SER A 342 12.71 19.72 -14.09
C SER A 342 13.10 18.41 -13.46
N SER A 343 12.10 17.61 -13.12
CA SER A 343 12.37 16.30 -12.59
C SER A 343 11.25 15.37 -13.01
N ALA A 344 11.49 14.71 -14.14
CA ALA A 344 10.52 13.81 -14.72
C ALA A 344 10.16 12.66 -13.75
N ASN A 345 8.88 12.30 -13.77
CA ASN A 345 8.44 11.05 -13.17
C ASN A 345 8.99 9.91 -14.02
N ARG A 346 9.12 8.75 -13.38
CA ARG A 346 9.74 7.56 -14.01
C ARG A 346 8.79 6.37 -13.87
N LEU A 347 8.84 5.46 -14.84
CA LEU A 347 8.04 4.26 -14.85
C LEU A 347 8.91 3.11 -15.36
N PHE A 348 8.95 2.02 -14.59
CA PHE A 348 9.69 0.83 -14.98
C PHE A 348 8.79 -0.40 -14.90
N ARG A 349 9.01 -1.34 -15.82
CA ARG A 349 8.39 -2.65 -15.72
C ARG A 349 9.43 -3.60 -15.14
N VAL A 350 9.00 -4.46 -14.22
CA VAL A 350 9.88 -5.46 -13.63
C VAL A 350 9.42 -6.84 -14.11
N ILE A 351 10.20 -7.45 -15.00
CA ILE A 351 9.76 -8.60 -15.77
C ILE A 351 10.34 -9.86 -15.15
N ARG A 352 9.48 -10.72 -14.61
CA ARG A 352 9.90 -12.01 -14.09
C ARG A 352 10.47 -12.82 -15.25
N ARG A 353 11.61 -13.47 -14.99
CA ARG A 353 12.32 -14.28 -15.96
C ARG A 353 12.31 -15.75 -15.52
N GLU A 354 12.41 -16.65 -16.51
CA GLU A 354 12.44 -18.09 -16.24
C GLU A 354 13.71 -18.43 -15.46
N HIS A 355 14.81 -17.73 -15.78
CA HIS A 355 16.10 -18.00 -15.19
C HIS A 355 16.64 -16.69 -14.66
N GLY A 356 17.12 -16.69 -13.42
CA GLY A 356 17.74 -15.52 -12.83
C GLY A 356 16.75 -14.41 -12.48
N ASP A 357 17.34 -13.24 -12.17
CA ASP A 357 16.64 -12.08 -11.65
C ASP A 357 15.68 -11.53 -12.70
N PRO A 358 14.65 -10.78 -12.27
CA PRO A 358 13.77 -10.09 -13.19
C PRO A 358 14.54 -9.05 -13.99
N LEU A 359 14.03 -8.75 -15.17
CA LEU A 359 14.57 -7.74 -16.05
C LEU A 359 13.84 -6.44 -15.77
N ILE A 360 14.59 -5.35 -15.57
CA ILE A 360 14.01 -4.04 -15.30
C ILE A 360 14.04 -3.21 -16.58
N GLU A 361 12.86 -2.76 -17.04
CA GLU A 361 12.69 -2.08 -18.32
C GLU A 361 12.15 -0.68 -18.09
N GLU A 362 12.85 0.34 -18.60
CA GLU A 362 12.31 1.72 -18.48
C GLU A 362 11.17 1.90 -19.48
N LEU A 363 10.07 2.47 -19.01
CA LEU A 363 8.90 2.74 -19.84
C LEU A 363 8.73 4.24 -20.00
N ASN A 364 7.87 4.60 -20.94
CA ASN A 364 7.48 5.98 -21.18
C ASN A 364 6.21 6.26 -20.38
N PRO A 365 6.26 7.15 -19.36
CA PRO A 365 5.07 7.46 -18.57
C PRO A 365 4.02 8.34 -19.25
N GLY A 366 4.29 8.76 -20.51
CA GLY A 366 3.41 9.63 -21.26
C GLY A 366 3.08 10.92 -20.52
N ASP A 367 1.79 11.22 -20.39
CA ASP A 367 1.36 12.47 -19.78
C ASP A 367 1.72 12.53 -18.29
N ALA A 368 2.03 11.38 -17.67
CA ALA A 368 2.44 11.35 -16.26
C ALA A 368 3.91 11.71 -16.05
N LEU A 369 4.63 12.09 -17.11
CA LEU A 369 6.03 12.49 -16.99
C LEU A 369 6.12 13.67 -16.01
N GLU A 370 5.25 14.67 -16.20
CA GLU A 370 5.15 15.85 -15.33
C GLU A 370 6.52 16.39 -14.94
N PRO A 371 7.37 16.85 -15.87
CA PRO A 371 8.69 17.36 -15.49
C PRO A 371 8.67 18.59 -14.58
N GLU A 372 7.58 19.36 -14.60
CA GLU A 372 7.44 20.52 -13.73
C GLU A 372 6.49 20.22 -12.56
N GLY A 373 6.10 18.95 -12.39
CA GLY A 373 5.19 18.59 -11.32
C GLY A 373 5.91 18.58 -9.97
N ARG A 374 5.28 19.20 -8.97
CA ARG A 374 5.81 19.18 -7.61
C ARG A 374 5.18 18.00 -6.89
N GLY A 375 5.55 16.79 -7.29
CA GLY A 375 4.86 15.58 -6.85
C GLY A 375 5.08 15.33 -5.36
N THR A 376 3.98 15.13 -4.61
CA THR A 376 4.04 14.95 -3.16
C THR A 376 3.37 13.65 -2.69
N GLY A 377 2.44 13.11 -3.48
CA GLY A 377 1.67 11.95 -3.10
C GLY A 377 0.97 11.36 -4.32
N GLY A 378 0.31 10.20 -4.15
CA GLY A 378 -0.44 9.61 -5.23
C GLY A 378 -0.97 8.25 -4.85
N VAL A 379 -1.96 7.77 -5.61
CA VAL A 379 -2.57 6.48 -5.39
C VAL A 379 -2.97 5.87 -6.72
N VAL A 380 -3.19 4.54 -6.67
CA VAL A 380 -3.86 3.80 -7.72
C VAL A 380 -5.19 3.31 -7.19
N THR A 381 -6.19 3.33 -8.09
CA THR A 381 -7.52 2.80 -7.85
C THR A 381 -8.22 2.74 -9.19
N ASP A 382 -9.17 1.81 -9.32
CA ASP A 382 -10.01 1.71 -10.48
C ASP A 382 -11.31 2.41 -10.14
N PHE A 383 -11.33 3.75 -10.22
CA PHE A 383 -12.47 4.45 -9.65
C PHE A 383 -13.67 4.36 -10.57
N ASP A 384 -13.44 4.00 -11.84
CA ASP A 384 -14.55 3.94 -12.79
C ASP A 384 -14.93 2.49 -13.08
N GLY A 385 -14.24 1.51 -12.48
CA GLY A 385 -14.70 0.14 -12.53
C GLY A 385 -14.55 -0.51 -13.90
N ASP A 386 -13.57 -0.10 -14.71
CA ASP A 386 -13.41 -0.72 -16.01
C ASP A 386 -12.29 -1.77 -16.00
N GLY A 387 -11.70 -2.05 -14.84
CA GLY A 387 -10.66 -3.06 -14.76
C GLY A 387 -9.26 -2.55 -15.05
N MET A 388 -9.12 -1.27 -15.42
CA MET A 388 -7.83 -0.66 -15.66
C MET A 388 -7.54 0.29 -14.49
N LEU A 389 -6.41 0.08 -13.80
CA LEU A 389 -6.03 0.95 -12.70
C LEU A 389 -5.86 2.37 -13.20
N ASP A 390 -6.32 3.33 -12.38
CA ASP A 390 -6.22 4.75 -12.66
C ASP A 390 -5.18 5.34 -11.70
N LEU A 391 -4.52 6.42 -12.12
CA LEU A 391 -3.44 7.02 -11.33
C LEU A 391 -3.83 8.45 -10.99
N ILE A 392 -3.77 8.76 -9.68
CA ILE A 392 -4.02 10.10 -9.20
C ILE A 392 -2.74 10.59 -8.53
N LEU A 393 -2.27 11.78 -8.93
CA LEU A 393 -1.07 12.34 -8.33
C LEU A 393 -1.41 13.65 -7.64
N SER A 394 -0.89 13.82 -6.41
CA SER A 394 -1.00 15.09 -5.71
C SER A 394 0.32 15.84 -5.81
N HIS A 395 0.19 17.16 -5.73
CA HIS A 395 1.32 18.06 -5.85
C HIS A 395 1.27 19.10 -4.73
N GLY A 396 2.43 19.64 -4.39
CA GLY A 396 2.41 20.67 -3.37
C GLY A 396 3.80 21.02 -2.85
N GLU A 397 3.83 21.28 -1.55
CA GLU A 397 5.00 21.68 -0.79
C GLU A 397 5.48 23.06 -1.24
N SER A 398 6.30 23.10 -2.32
CA SER A 398 7.00 24.29 -2.73
C SER A 398 6.26 25.09 -3.80
N MET A 399 5.21 24.50 -4.39
CA MET A 399 4.35 25.21 -5.33
C MET A 399 2.97 24.57 -5.34
N ALA A 400 1.94 25.42 -5.31
CA ALA A 400 0.56 24.98 -5.38
C ALA A 400 0.25 24.58 -6.82
N GLN A 401 -0.21 23.34 -6.98
CA GLN A 401 -0.67 22.83 -8.26
C GLN A 401 -1.86 21.92 -8.01
N PRO A 402 -2.79 21.80 -9.00
CA PRO A 402 -3.94 20.91 -8.85
C PRO A 402 -3.48 19.46 -8.89
N LEU A 403 -4.36 18.58 -8.41
CA LEU A 403 -4.22 17.15 -8.60
C LEU A 403 -4.20 16.84 -10.11
N SER A 404 -3.57 15.71 -10.45
CA SER A 404 -3.67 15.19 -11.81
C SER A 404 -4.23 13.77 -11.76
N VAL A 405 -4.91 13.38 -12.86
CA VAL A 405 -5.55 12.09 -13.00
C VAL A 405 -5.16 11.53 -14.36
N PHE A 406 -4.84 10.23 -14.38
CA PHE A 406 -4.41 9.57 -15.60
C PHE A 406 -5.18 8.27 -15.80
N ARG A 407 -5.41 7.92 -17.08
CA ARG A 407 -5.84 6.60 -17.47
C ARG A 407 -4.72 5.91 -18.27
N GLY A 408 -4.67 4.58 -18.20
CA GLY A 408 -3.72 3.78 -18.96
C GLY A 408 -4.08 3.70 -20.43
N ASN A 409 -3.06 3.54 -21.28
CA ASN A 409 -3.23 3.50 -22.72
C ASN A 409 -3.08 2.06 -23.22
N GLN A 410 -2.58 1.12 -22.41
CA GLN A 410 -2.15 -0.17 -22.92
C GLN A 410 -2.74 -1.37 -22.19
N GLY A 411 -2.83 -2.51 -22.87
CA GLY A 411 -3.19 -3.78 -22.25
C GLY A 411 -4.69 -3.99 -22.09
N PHE A 412 -5.49 -3.33 -22.93
CA PHE A 412 -6.94 -3.38 -22.84
C PHE A 412 -7.50 -4.77 -23.10
N SER A 413 -6.83 -5.57 -23.94
CA SER A 413 -7.32 -6.90 -24.25
C SER A 413 -6.81 -7.94 -23.24
N ASN A 414 -6.01 -7.54 -22.23
CA ASN A 414 -5.53 -8.46 -21.21
C ASN A 414 -6.64 -8.72 -20.19
N ASN A 415 -6.59 -9.91 -19.59
CA ASN A 415 -7.49 -10.30 -18.54
C ASN A 415 -6.96 -9.77 -17.21
N TRP A 416 -7.87 -9.72 -16.23
CA TRP A 416 -7.62 -9.20 -14.91
C TRP A 416 -8.53 -9.88 -13.89
N LEU A 417 -8.21 -9.64 -12.62
CA LEU A 417 -9.08 -10.01 -11.53
C LEU A 417 -8.74 -9.14 -10.32
N ARG A 418 -9.80 -8.63 -9.69
CA ARG A 418 -9.67 -7.79 -8.50
C ARG A 418 -10.30 -8.52 -7.31
N VAL A 419 -9.54 -8.65 -6.21
CA VAL A 419 -9.97 -9.42 -5.05
C VAL A 419 -9.98 -8.48 -3.85
N VAL A 420 -11.12 -8.47 -3.13
CA VAL A 420 -11.35 -7.64 -1.96
C VAL A 420 -11.66 -8.55 -0.78
N PRO A 421 -10.64 -8.89 0.06
CA PRO A 421 -10.89 -9.59 1.32
C PRO A 421 -11.47 -8.65 2.38
N ARG A 422 -12.33 -9.24 3.20
CA ARG A 422 -12.98 -8.54 4.30
C ARG A 422 -12.54 -9.17 5.61
N THR A 423 -12.51 -8.33 6.67
CA THR A 423 -12.20 -8.79 8.01
C THR A 423 -13.38 -9.57 8.57
N ARG A 424 -13.16 -10.19 9.72
CA ARG A 424 -14.23 -10.87 10.43
C ARG A 424 -15.38 -9.92 10.78
N PHE A 425 -15.15 -8.60 10.77
CA PHE A 425 -16.19 -7.62 11.06
C PHE A 425 -16.73 -6.90 9.82
N GLY A 426 -16.27 -7.26 8.62
CA GLY A 426 -16.83 -6.67 7.41
C GLY A 426 -16.00 -5.53 6.84
N ALA A 427 -14.86 -5.18 7.45
CA ALA A 427 -14.05 -4.07 6.93
C ALA A 427 -13.10 -4.59 5.85
N PHE A 428 -12.43 -3.66 5.17
CA PHE A 428 -11.36 -4.00 4.25
C PHE A 428 -10.25 -4.66 5.04
N ALA A 429 -9.80 -5.83 4.58
CA ALA A 429 -8.75 -6.56 5.30
C ALA A 429 -7.37 -6.07 4.84
N ARG A 430 -7.07 -4.82 5.20
CA ARG A 430 -5.73 -4.27 5.09
C ARG A 430 -4.74 -5.23 5.72
N GLY A 431 -3.64 -5.50 5.03
CA GLY A 431 -2.61 -6.37 5.59
C GLY A 431 -2.75 -7.84 5.19
N ALA A 432 -3.92 -8.20 4.63
CA ALA A 432 -4.12 -9.56 4.13
C ALA A 432 -3.25 -9.79 2.89
N LYS A 433 -2.81 -11.04 2.76
CA LYS A 433 -2.11 -11.53 1.59
C LYS A 433 -3.08 -12.25 0.67
N VAL A 434 -3.03 -11.93 -0.62
CA VAL A 434 -3.87 -12.60 -1.61
C VAL A 434 -2.95 -13.18 -2.66
N VAL A 435 -3.08 -14.50 -2.88
CA VAL A 435 -2.32 -15.21 -3.91
C VAL A 435 -3.29 -15.71 -4.96
N LEU A 436 -2.96 -15.44 -6.22
CA LEU A 436 -3.70 -15.94 -7.37
C LEU A 436 -2.86 -16.99 -8.08
N TYR A 437 -3.43 -18.20 -8.18
CA TYR A 437 -2.84 -19.26 -8.99
C TYR A 437 -3.45 -19.21 -10.38
N THR A 438 -2.60 -19.02 -11.40
CA THR A 438 -3.05 -18.96 -12.78
C THR A 438 -2.91 -20.35 -13.40
N LYS A 439 -3.57 -20.53 -14.54
CA LYS A 439 -3.61 -21.81 -15.22
C LYS A 439 -2.21 -22.22 -15.67
N LYS A 440 -1.42 -21.28 -16.22
CA LYS A 440 -0.15 -21.64 -16.83
C LYS A 440 0.96 -20.65 -16.49
N SER A 441 0.68 -19.64 -15.67
CA SER A 441 1.61 -18.54 -15.45
C SER A 441 2.09 -18.52 -14.00
N GLY A 442 1.85 -19.59 -13.25
CA GLY A 442 2.27 -19.63 -11.85
C GLY A 442 1.42 -18.72 -10.95
N ALA A 443 2.05 -18.23 -9.89
CA ALA A 443 1.37 -17.62 -8.76
C ALA A 443 1.77 -16.16 -8.63
N HIS A 444 0.76 -15.30 -8.39
CA HIS A 444 0.94 -13.88 -8.17
C HIS A 444 0.50 -13.54 -6.76
N LEU A 445 1.24 -12.65 -6.10
CA LEU A 445 0.98 -12.28 -4.72
C LEU A 445 0.69 -10.78 -4.61
N ARG A 446 -0.27 -10.45 -3.75
CA ARG A 446 -0.54 -9.07 -3.40
C ARG A 446 -0.71 -8.99 -1.89
N ILE A 447 -0.40 -7.82 -1.33
CA ILE A 447 -0.79 -7.47 0.03
C ILE A 447 -1.75 -6.29 -0.04
N ILE A 448 -2.87 -6.35 0.70
CA ILE A 448 -3.80 -5.22 0.72
C ILE A 448 -3.13 -4.11 1.52
N ASP A 449 -3.02 -2.92 0.90
CA ASP A 449 -2.27 -1.82 1.42
C ASP A 449 -2.98 -1.15 2.61
N GLY A 450 -2.27 -1.09 3.75
CA GLY A 450 -2.72 -0.36 4.92
C GLY A 450 -2.00 0.98 5.06
N GLY A 451 -1.20 1.31 4.04
CA GLY A 451 -0.37 2.50 4.11
C GLY A 451 0.95 2.21 3.42
N SER A 452 1.24 2.96 2.36
CA SER A 452 2.44 2.77 1.57
C SER A 452 2.72 4.02 0.75
N GLY A 453 3.86 3.98 0.04
CA GLY A 453 4.14 4.93 -1.02
C GLY A 453 4.65 6.28 -0.52
N TYR A 454 4.83 6.44 0.81
CA TYR A 454 5.13 7.71 1.45
C TYR A 454 3.89 8.58 1.49
N LEU A 455 3.26 8.66 2.68
CA LEU A 455 2.13 9.54 3.00
C LEU A 455 0.78 9.02 2.50
N CYS A 456 0.73 7.82 1.90
CA CYS A 456 -0.43 7.44 1.13
C CYS A 456 -0.98 6.09 1.57
N GLU A 457 -2.11 5.71 0.97
CA GLU A 457 -2.71 4.38 1.14
C GLU A 457 -3.51 4.05 -0.13
N MET A 458 -3.14 2.93 -0.78
CA MET A 458 -3.76 2.49 -2.01
C MET A 458 -5.15 1.91 -1.71
N GLU A 459 -5.93 1.69 -2.77
CA GLU A 459 -7.24 1.06 -2.67
C GLU A 459 -7.08 -0.32 -2.03
N PRO A 460 -8.10 -0.78 -1.27
CA PRO A 460 -8.02 -2.05 -0.55
C PRO A 460 -8.34 -3.27 -1.41
N VAL A 461 -7.63 -3.36 -2.53
CA VAL A 461 -7.92 -4.31 -3.57
C VAL A 461 -6.61 -4.94 -4.04
N ALA A 462 -6.62 -6.27 -4.16
CA ALA A 462 -5.56 -7.00 -4.82
C ALA A 462 -5.91 -7.04 -6.30
N HIS A 463 -5.19 -6.23 -7.10
CA HIS A 463 -5.47 -6.08 -8.51
C HIS A 463 -4.43 -6.87 -9.29
N PHE A 464 -4.87 -7.94 -9.94
CA PHE A 464 -4.02 -8.84 -10.68
C PHE A 464 -4.25 -8.63 -12.18
N GLY A 465 -3.16 -8.41 -12.92
CA GLY A 465 -3.17 -8.56 -14.37
C GLY A 465 -2.90 -10.02 -14.75
N LEU A 466 -3.69 -10.55 -15.69
CA LEU A 466 -3.56 -11.95 -16.08
C LEU A 466 -3.04 -12.12 -17.52
N GLY A 467 -2.74 -11.03 -18.21
CA GLY A 467 -2.25 -11.15 -19.58
C GLY A 467 -3.27 -11.92 -20.41
N ARG A 468 -2.77 -12.94 -21.13
CA ARG A 468 -3.59 -13.83 -21.94
C ARG A 468 -4.10 -15.03 -21.16
N ASP A 469 -3.72 -15.15 -19.89
CA ASP A 469 -4.02 -16.32 -19.08
C ASP A 469 -5.30 -16.08 -18.28
N GLU A 470 -5.69 -17.10 -17.52
CA GLU A 470 -6.84 -17.05 -16.63
C GLU A 470 -6.48 -17.60 -15.26
N ALA A 471 -7.33 -17.29 -14.28
CA ALA A 471 -7.12 -17.71 -12.91
C ALA A 471 -7.64 -19.13 -12.70
N SER A 472 -6.90 -19.91 -11.92
CA SER A 472 -7.36 -21.21 -11.43
C SER A 472 -8.03 -21.05 -10.06
N SER A 473 -7.33 -20.42 -9.11
CA SER A 473 -7.87 -20.21 -7.78
C SER A 473 -7.22 -18.99 -7.14
N VAL A 474 -7.86 -18.52 -6.06
CA VAL A 474 -7.31 -17.49 -5.21
C VAL A 474 -7.14 -18.06 -3.81
N GLU A 475 -6.25 -17.40 -3.05
CA GLU A 475 -5.97 -17.80 -1.69
C GLU A 475 -5.75 -16.54 -0.86
N VAL A 476 -6.57 -16.38 0.18
CA VAL A 476 -6.42 -15.23 1.05
C VAL A 476 -5.88 -15.72 2.39
N THR A 477 -4.84 -15.02 2.88
CA THR A 477 -4.32 -15.25 4.21
C THR A 477 -4.53 -13.97 5.01
N TRP A 478 -5.33 -14.05 6.08
CA TRP A 478 -5.54 -12.93 6.98
C TRP A 478 -4.36 -12.80 7.93
N PRO A 479 -4.11 -11.61 8.54
CA PRO A 479 -3.01 -11.47 9.50
C PRO A 479 -3.04 -12.47 10.64
N ASP A 480 -4.23 -13.01 11.01
CA ASP A 480 -4.35 -13.96 12.11
C ASP A 480 -4.03 -15.38 11.66
N GLY A 481 -3.75 -15.60 10.37
CA GLY A 481 -3.35 -16.92 9.93
C GLY A 481 -4.46 -17.69 9.24
N LYS A 482 -5.73 -17.28 9.37
CA LYS A 482 -6.80 -17.93 8.62
C LYS A 482 -6.46 -17.87 7.13
N MET A 483 -6.62 -19.02 6.46
CA MET A 483 -6.35 -19.11 5.04
C MET A 483 -7.57 -19.71 4.36
N VAL A 484 -8.06 -19.03 3.32
CA VAL A 484 -9.16 -19.53 2.51
C VAL A 484 -8.66 -19.71 1.08
N SER A 485 -8.83 -20.92 0.53
CA SER A 485 -8.54 -21.20 -0.87
C SER A 485 -9.86 -21.38 -1.62
N ARG A 486 -10.02 -20.75 -2.78
CA ARG A 486 -11.25 -20.85 -3.59
C ARG A 486 -10.94 -20.82 -5.09
N SER A 487 -11.55 -21.72 -5.87
CA SER A 487 -11.48 -21.70 -7.32
C SER A 487 -12.18 -20.46 -7.86
N VAL A 488 -11.66 -19.96 -8.99
CA VAL A 488 -12.26 -18.84 -9.68
C VAL A 488 -13.01 -19.40 -10.88
N ALA A 489 -14.34 -19.25 -10.90
CA ALA A 489 -15.12 -19.72 -12.04
C ALA A 489 -14.76 -18.89 -13.27
N SER A 490 -14.93 -19.50 -14.45
CA SER A 490 -14.65 -18.85 -15.72
C SER A 490 -15.36 -17.51 -15.83
N GLU A 491 -16.62 -17.46 -15.38
CA GLU A 491 -17.48 -16.30 -15.54
C GLU A 491 -17.08 -15.18 -14.58
N GLU A 492 -16.25 -15.49 -13.57
CA GLU A 492 -15.77 -14.53 -12.58
C GLU A 492 -14.51 -13.81 -13.07
N MET A 493 -13.98 -14.20 -14.22
CA MET A 493 -12.81 -13.55 -14.80
C MET A 493 -13.17 -12.11 -15.15
N ASN A 494 -12.20 -11.20 -15.02
CA ASN A 494 -12.37 -9.81 -15.38
C ASN A 494 -13.50 -9.22 -14.57
N SER A 495 -13.44 -9.40 -13.25
CA SER A 495 -14.44 -8.88 -12.34
C SER A 495 -13.82 -8.67 -10.95
N VAL A 496 -14.62 -8.10 -10.05
CA VAL A 496 -14.23 -7.91 -8.65
C VAL A 496 -14.83 -9.05 -7.84
N LEU A 497 -13.99 -9.81 -7.13
CA LEU A 497 -14.44 -10.84 -6.21
C LEU A 497 -14.27 -10.35 -4.79
N GLU A 498 -15.34 -10.38 -3.99
CA GLU A 498 -15.28 -10.18 -2.56
C GLU A 498 -14.94 -11.52 -1.90
N ILE A 499 -14.02 -11.56 -0.94
CA ILE A 499 -13.73 -12.79 -0.18
C ILE A 499 -13.98 -12.51 1.30
N LEU A 500 -15.01 -13.17 1.87
CA LEU A 500 -15.40 -12.93 3.24
C LEU A 500 -14.51 -13.76 4.17
N TYR A 501 -14.27 -13.22 5.36
CA TYR A 501 -13.60 -13.98 6.40
C TYR A 501 -14.43 -15.24 6.68
N PRO A 502 -13.80 -16.41 6.92
CA PRO A 502 -14.57 -17.63 7.18
C PRO A 502 -15.13 -17.65 8.59
N GLN A 503 -16.43 -17.82 8.73
CA GLN A 503 -17.06 -17.81 10.05
C GLN A 503 -17.31 -19.23 10.54
N ALA A 512 -16.83 -26.57 -4.51
CA ALA A 512 -16.14 -26.73 -5.82
C ALA A 512 -14.77 -27.38 -5.59
N PRO A 513 -14.34 -28.34 -6.43
CA PRO A 513 -12.96 -28.83 -6.36
C PRO A 513 -11.96 -27.70 -6.58
N LEU A 514 -10.80 -27.76 -5.91
CA LEU A 514 -9.84 -26.67 -5.97
C LEU A 514 -8.89 -26.85 -7.15
N GLU A 515 -8.79 -25.82 -8.00
CA GLU A 515 -7.86 -25.82 -9.12
C GLU A 515 -6.65 -24.97 -8.75
N CYS A 516 -5.44 -25.54 -8.88
CA CYS A 516 -4.22 -24.89 -8.45
C CYS A 516 -3.35 -24.44 -9.64
N GLY A 517 -3.76 -24.82 -10.85
CA GLY A 517 -3.04 -24.45 -12.06
C GLY A 517 -1.73 -25.22 -12.22
N GLN A 518 -0.97 -24.89 -13.25
CA GLN A 518 0.24 -25.63 -13.61
C GLN A 518 1.35 -25.34 -12.61
N GLY A 519 2.00 -26.38 -12.11
CA GLY A 519 3.12 -26.24 -11.19
C GLY A 519 2.72 -26.31 -9.70
N PHE A 520 1.41 -26.39 -9.44
CA PHE A 520 0.86 -26.39 -8.08
C PHE A 520 -0.17 -27.51 -7.93
N SER A 521 -0.42 -27.91 -6.67
CA SER A 521 -1.33 -29.00 -6.36
C SER A 521 -1.89 -28.82 -4.95
N GLN A 522 -3.09 -29.35 -4.73
CA GLN A 522 -3.74 -29.24 -3.43
C GLN A 522 -3.11 -30.25 -2.47
N GLN A 523 -2.67 -29.78 -1.30
CA GLN A 523 -2.05 -30.61 -0.29
C GLN A 523 -3.10 -31.15 0.67
N ASP A 524 -2.65 -31.98 1.63
CA ASP A 524 -3.51 -32.60 2.64
C ASP A 524 -4.19 -31.56 3.54
N ASN A 525 -3.60 -30.36 3.67
CA ASN A 525 -4.20 -29.30 4.46
C ASN A 525 -5.27 -28.53 3.67
N GLY A 526 -5.50 -28.84 2.38
CA GLY A 526 -6.58 -28.20 1.63
C GLY A 526 -6.13 -27.01 0.79
N HIS A 527 -4.83 -26.68 0.80
CA HIS A 527 -4.35 -25.50 0.12
C HIS A 527 -3.37 -25.86 -0.99
N CYS A 528 -3.27 -24.94 -1.97
CA CYS A 528 -2.37 -25.11 -3.08
C CYS A 528 -0.94 -24.92 -2.60
N MET A 529 -0.03 -25.80 -3.04
CA MET A 529 1.39 -25.62 -2.78
C MET A 529 2.19 -26.09 -4.00
N ASP A 530 3.46 -25.69 -4.05
CA ASP A 530 4.37 -26.06 -5.13
C ASP A 530 4.38 -27.58 -5.30
N THR A 531 4.24 -28.02 -6.55
CA THR A 531 4.54 -29.39 -6.93
C THR A 531 6.03 -29.53 -7.17
N ASN A 532 6.63 -30.58 -6.58
CA ASN A 532 8.02 -30.87 -6.82
C ASN A 532 8.12 -31.83 -8.01
N GLU A 533 8.32 -31.28 -9.20
CA GLU A 533 8.35 -32.11 -10.41
C GLU A 533 9.51 -33.09 -10.39
N CYS A 534 10.56 -32.80 -9.61
CA CYS A 534 11.77 -33.60 -9.66
C CYS A 534 11.55 -34.98 -9.06
N ILE A 535 10.62 -35.09 -8.10
CA ILE A 535 10.27 -36.37 -7.50
C ILE A 535 8.96 -36.89 -8.09
N GLN A 536 8.02 -36.02 -8.45
CA GLN A 536 6.79 -36.43 -9.13
C GLN A 536 7.11 -36.71 -10.60
N PHE A 537 7.69 -37.88 -10.87
CA PHE A 537 8.14 -38.22 -12.25
C PHE A 537 7.55 -39.58 -12.66
N PRO A 538 7.09 -39.76 -13.93
CA PRO A 538 7.98 -40.07 -15.05
C PRO A 538 9.01 -38.96 -15.31
N PHE A 539 10.31 -39.31 -15.33
CA PHE A 539 11.39 -38.38 -15.04
C PHE A 539 11.45 -37.27 -16.09
N VAL A 540 11.45 -36.03 -15.61
CA VAL A 540 11.10 -34.88 -16.45
C VAL A 540 12.29 -34.30 -17.22
N CYS A 541 13.54 -34.56 -16.83
CA CYS A 541 14.65 -33.87 -17.47
C CYS A 541 15.23 -34.69 -18.62
N PRO A 542 15.59 -34.03 -19.74
CA PRO A 542 16.16 -34.72 -20.90
C PRO A 542 17.59 -35.24 -20.65
N ARG A 543 18.07 -36.08 -21.57
CA ARG A 543 19.43 -36.68 -21.45
C ARG A 543 20.48 -35.59 -21.33
N ASP A 544 20.36 -34.53 -22.13
CA ASP A 544 21.47 -33.60 -22.32
C ASP A 544 21.50 -32.56 -21.19
N LYS A 545 20.42 -32.50 -20.41
CA LYS A 545 20.35 -31.61 -19.26
C LYS A 545 19.67 -32.39 -18.14
N PRO A 546 20.38 -33.37 -17.53
CA PRO A 546 19.73 -34.39 -16.72
C PRO A 546 19.47 -34.07 -15.25
N VAL A 547 20.01 -32.96 -14.73
CA VAL A 547 19.87 -32.65 -13.30
C VAL A 547 18.63 -31.78 -13.12
N CYS A 548 17.63 -32.30 -12.39
CA CYS A 548 16.39 -31.59 -12.11
C CYS A 548 16.54 -30.75 -10.84
N VAL A 549 16.10 -29.48 -10.91
CA VAL A 549 16.16 -28.53 -9.80
C VAL A 549 14.74 -27.99 -9.61
N ASN A 550 14.13 -28.26 -8.46
CA ASN A 550 12.77 -27.82 -8.22
C ASN A 550 12.75 -26.33 -7.89
N THR A 551 11.77 -25.62 -8.44
CA THR A 551 11.54 -24.22 -8.10
C THR A 551 10.08 -24.04 -7.70
N TYR A 552 9.80 -22.92 -7.05
CA TYR A 552 8.44 -22.54 -6.71
C TYR A 552 7.68 -22.27 -8.00
N GLY A 553 6.73 -23.15 -8.34
CA GLY A 553 5.90 -22.94 -9.51
C GLY A 553 6.46 -23.59 -10.77
N SER A 554 7.70 -24.08 -10.72
CA SER A 554 8.26 -24.73 -11.89
C SER A 554 9.41 -25.66 -11.50
N TYR A 555 10.33 -25.89 -12.46
CA TYR A 555 11.54 -26.65 -12.25
C TYR A 555 12.52 -26.27 -13.35
N ARG A 556 13.81 -26.56 -13.19
CA ARG A 556 14.71 -26.41 -14.31
C ARG A 556 15.59 -27.66 -14.47
N CYS A 557 16.08 -27.84 -15.69
CA CYS A 557 16.92 -28.97 -16.01
C CYS A 557 18.27 -28.41 -16.44
N ARG A 558 19.37 -28.90 -15.84
CA ARG A 558 20.71 -28.45 -16.17
C ARG A 558 21.67 -29.64 -16.23
N THR A 559 22.97 -29.36 -16.46
CA THR A 559 23.95 -30.40 -16.75
C THR A 559 24.77 -30.75 -15.50
C1 NAG B . 6.56 -11.93 22.87
C2 NAG B . 7.01 -11.94 24.33
C3 NAG B . 8.52 -11.75 24.39
C4 NAG B . 9.21 -12.80 23.57
C5 NAG B . 8.65 -12.73 22.15
C6 NAG B . 9.36 -13.73 21.27
C7 NAG B . 5.26 -10.92 25.72
C8 NAG B . 4.83 -9.71 26.50
N2 NAG B . 6.44 -10.85 25.11
O3 NAG B . 8.99 -11.87 25.73
O4 NAG B . 10.63 -12.53 23.56
O5 NAG B . 7.23 -12.96 22.17
O6 NAG B . 9.17 -15.01 21.86
O7 NAG B . 4.56 -11.92 25.64
C1 NAG B . 11.32 -13.69 24.07
C2 NAG B . 12.81 -13.58 23.73
C3 NAG B . 13.57 -14.72 24.40
C4 NAG B . 13.29 -14.71 25.88
C5 NAG B . 11.78 -14.88 26.11
C6 NAG B . 11.45 -14.91 27.60
C7 NAG B . 13.09 -12.58 21.51
C8 NAG B . 13.22 -12.91 20.06
N2 NAG B . 13.04 -13.67 22.29
O3 NAG B . 14.98 -14.58 24.21
O4 NAG B . 14.11 -15.72 26.47
O5 NAG B . 11.12 -13.77 25.49
O6 NAG B . 12.03 -13.74 28.23
O7 NAG B . 13.03 -11.40 21.89
C1 FUC B . 9.94 -15.99 21.16
C2 FUC B . 9.76 -17.25 21.98
C3 FUC B . 8.32 -17.75 21.88
C4 FUC B . 7.87 -17.86 20.44
C5 FUC B . 8.10 -16.54 19.71
C6 FUC B . 7.73 -16.59 18.25
O2 FUC B . 10.15 -17.00 23.32
O3 FUC B . 8.23 -19.04 22.49
O4 FUC B . 8.62 -18.88 19.80
O5 FUC B . 9.50 -16.21 19.80
CA CA C . -18.14 4.88 -1.04
CA CA D . -14.75 1.47 12.41
CA CA E . 10.04 -12.41 -4.15
CA CA F . 2.23 -4.60 -16.22
CA CA G . -10.20 2.59 -14.47
CA CA H . 8.05 -26.95 -8.66
K K I . -6.16 20.21 6.13
K K J . 17.66 4.94 5.73
K K K . 7.54 15.44 -11.38
NA NA L . 1.40 15.39 14.18
#